data_6L3F
#
_entry.id   6L3F
#
_cell.length_a   123.320
_cell.length_b   65.086
_cell.length_c   66.115
_cell.angle_alpha   90.000
_cell.angle_beta   121.150
_cell.angle_gamma   90.000
#
_symmetry.space_group_name_H-M   'C 1 2 1'
#
loop_
_entity.id
_entity.type
_entity.pdbx_description
1 polymer 'UTP:RNA uridylyltransferase 1'
2 water water
#
_entity_poly.entity_id   1
_entity_poly.type   'polypeptide(L)'
_entity_poly.pdbx_seq_one_letter_code
;MGSSHHHHHHSSGENLYFQGQRLLGQKARMVKMYMACRNDIHRYDATFIAIYKSLIPAEEELEKQRQLMAHLENLVAKEW
PHAKLYLYGSCANSFGFPKSDIDVCLAIEGDDINKSEMLLKLAEILESDNLQNVQALTRARVPIVKLMDPVTGISCAICI
NNVLAVVNTKLLRDYAQIDVRLRQLAFIVKHWAKSRRVNETYQGTLSSYAYVLMCIHFLQQRRPPILPCLQEMEPTYSVR
VDNIRCTYFDNVDRLRNFGSNNRETIAELVWGFFNYWAYAHDYAYNVVSVRTGSILGKREKDWTRRVGNDRHLICIEDPF
ETSHDLGRVVDKFSIRVLREEFERAARIMHQDPNPCAKLLEPYIPEDNNGQGHN
;
_entity_poly.pdbx_strand_id   A
#
# COMPACT_ATOMS: atom_id res chain seq x y z
N MET A 35 -25.76 12.91 7.04
CA MET A 35 -26.23 12.07 8.13
C MET A 35 -25.14 11.89 9.19
N ALA A 36 -25.55 11.79 10.45
CA ALA A 36 -24.63 11.79 11.57
C ALA A 36 -24.16 10.38 11.93
N CYS A 37 -23.01 10.33 12.60
CA CYS A 37 -22.46 9.08 13.14
C CYS A 37 -23.25 8.64 14.37
N ARG A 38 -23.30 7.32 14.60
CA ARG A 38 -24.03 6.79 15.75
C ARG A 38 -23.40 7.25 17.06
N ASN A 39 -24.23 7.36 18.09
CA ASN A 39 -23.79 7.99 19.34
C ASN A 39 -23.09 7.03 20.30
N ASP A 40 -22.93 5.76 19.92
CA ASP A 40 -22.13 4.83 20.71
C ASP A 40 -20.87 4.38 19.96
N ILE A 41 -20.45 5.14 18.96
CA ILE A 41 -19.37 4.70 18.07
C ILE A 41 -18.12 4.33 18.84
N HIS A 42 -17.83 5.04 19.94
CA HIS A 42 -16.56 4.83 20.61
C HIS A 42 -16.50 3.53 21.39
N ARG A 43 -17.63 2.87 21.65
CA ARG A 43 -17.57 1.55 22.28
C ARG A 43 -16.84 0.53 21.39
N TYR A 44 -16.67 0.83 20.10
CA TYR A 44 -16.05 -0.10 19.18
C TYR A 44 -14.61 0.27 18.84
N ASP A 45 -14.08 1.37 19.39
CA ASP A 45 -12.70 1.74 19.14
C ASP A 45 -11.73 0.64 19.55
N ALA A 46 -11.88 0.11 20.77
CA ALA A 46 -10.89 -0.83 21.29
C ALA A 46 -10.86 -2.13 20.50
N THR A 47 -12.02 -2.59 20.04
CA THR A 47 -12.06 -3.80 19.22
C THR A 47 -11.33 -3.59 17.91
N PHE A 48 -11.52 -2.43 17.27
CA PHE A 48 -10.78 -2.16 16.04
C PHE A 48 -9.29 -2.08 16.29
N ILE A 49 -8.87 -1.48 17.40
CA ILE A 49 -7.44 -1.46 17.71
C ILE A 49 -6.92 -2.88 17.91
N ALA A 50 -7.71 -3.72 18.61
CA ALA A 50 -7.30 -5.11 18.81
C ALA A 50 -7.19 -5.85 17.47
N ILE A 51 -8.15 -5.60 16.56
CA ILE A 51 -8.08 -6.21 15.24
C ILE A 51 -6.82 -5.75 14.50
N TYR A 52 -6.58 -4.44 14.51
CA TYR A 52 -5.38 -3.89 13.89
C TYR A 52 -4.13 -4.57 14.41
N LYS A 53 -4.00 -4.72 15.73
CA LYS A 53 -2.79 -5.30 16.30
C LYS A 53 -2.61 -6.74 15.88
N SER A 54 -3.71 -7.48 15.71
CA SER A 54 -3.59 -8.86 15.26
C SER A 54 -3.21 -8.96 13.79
N LEU A 55 -3.41 -7.88 13.02
CA LEU A 55 -3.19 -7.96 11.59
C LEU A 55 -1.78 -7.59 11.15
N ILE A 56 -1.01 -6.90 11.97
CA ILE A 56 0.27 -6.39 11.51
C ILE A 56 1.35 -7.45 11.71
N PRO A 57 2.47 -7.38 11.01
CA PRO A 57 3.50 -8.41 11.19
C PRO A 57 4.04 -8.39 12.61
N ALA A 58 4.31 -9.59 13.14
CA ALA A 58 4.96 -9.73 14.42
C ALA A 58 6.36 -9.10 14.37
N GLU A 59 6.76 -8.50 15.50
CA GLU A 59 8.09 -7.91 15.58
C GLU A 59 9.18 -8.94 15.31
N GLU A 60 8.98 -10.18 15.76
CA GLU A 60 9.98 -11.22 15.54
C GLU A 60 10.16 -11.50 14.06
N GLU A 61 9.09 -11.38 13.27
CA GLU A 61 9.21 -11.58 11.82
C GLU A 61 9.91 -10.41 11.16
N LEU A 62 9.63 -9.19 11.61
CA LEU A 62 10.29 -8.03 11.02
C LEU A 62 11.79 -8.03 11.32
N GLU A 63 12.17 -8.48 12.52
CA GLU A 63 13.59 -8.60 12.87
C GLU A 63 14.30 -9.57 11.94
N LYS A 64 13.65 -10.67 11.60
CA LYS A 64 14.23 -11.63 10.67
C LYS A 64 14.39 -11.04 9.29
N GLN A 65 13.41 -10.25 8.84
CA GLN A 65 13.53 -9.59 7.53
C GLN A 65 14.67 -8.59 7.51
N ARG A 66 14.84 -7.83 8.59
CA ARG A 66 15.95 -6.87 8.62
C ARG A 66 17.31 -7.57 8.67
N GLN A 67 17.40 -8.73 9.34
CA GLN A 67 18.65 -9.49 9.36
C GLN A 67 18.99 -10.00 7.97
N LEU A 68 18.00 -10.57 7.26
CA LEU A 68 18.27 -11.06 5.92
C LEU A 68 18.64 -9.92 4.98
N MET A 69 17.94 -8.78 5.10
CA MET A 69 18.21 -7.65 4.21
C MET A 69 19.65 -7.18 4.36
N ALA A 70 20.14 -7.08 5.61
CA ALA A 70 21.51 -6.62 5.80
C ALA A 70 22.50 -7.58 5.15
N HIS A 71 22.25 -8.89 5.27
CA HIS A 71 23.13 -9.88 4.65
C HIS A 71 23.08 -9.78 3.13
N LEU A 72 21.89 -9.64 2.55
CA LEU A 72 21.77 -9.54 1.10
C LEU A 72 22.38 -8.25 0.58
N GLU A 73 22.17 -7.14 1.30
CA GLU A 73 22.80 -5.88 0.90
C GLU A 73 24.31 -6.02 0.84
N ASN A 74 24.89 -6.63 1.88
CA ASN A 74 26.33 -6.84 1.90
C ASN A 74 26.78 -7.80 0.80
N LEU A 75 25.97 -8.80 0.50
CA LEU A 75 26.33 -9.75 -0.56
C LEU A 75 26.37 -9.06 -1.92
N VAL A 76 25.36 -8.26 -2.21
CA VAL A 76 25.28 -7.60 -3.52
C VAL A 76 26.38 -6.57 -3.66
N ALA A 77 26.70 -5.88 -2.56
CA ALA A 77 27.71 -4.83 -2.60
C ALA A 77 29.10 -5.38 -2.90
N LYS A 78 29.35 -6.64 -2.53
CA LYS A 78 30.64 -7.25 -2.87
C LYS A 78 30.82 -7.40 -4.37
N GLU A 79 29.75 -7.64 -5.11
CA GLU A 79 29.85 -7.77 -6.55
C GLU A 79 29.62 -6.44 -7.26
N TRP A 80 28.63 -5.66 -6.82
CA TRP A 80 28.29 -4.37 -7.42
C TRP A 80 28.27 -3.30 -6.33
N PRO A 81 29.44 -2.76 -5.97
CA PRO A 81 29.48 -1.80 -4.85
C PRO A 81 28.62 -0.57 -5.07
N HIS A 82 28.34 -0.22 -6.33
CA HIS A 82 27.54 0.94 -6.67
C HIS A 82 26.04 0.66 -6.71
N ALA A 83 25.63 -0.61 -6.57
CA ALA A 83 24.21 -0.92 -6.55
C ALA A 83 23.63 -0.62 -5.16
N LYS A 84 22.30 -0.52 -5.10
CA LYS A 84 21.59 -0.40 -3.83
C LYS A 84 20.37 -1.31 -3.83
N LEU A 85 20.12 -1.98 -2.70
CA LEU A 85 18.94 -2.82 -2.54
C LEU A 85 17.87 -2.05 -1.78
N TYR A 86 16.63 -2.09 -2.30
CA TYR A 86 15.49 -1.47 -1.62
C TYR A 86 14.35 -2.47 -1.53
N LEU A 87 13.79 -2.62 -0.33
CA LEU A 87 12.53 -3.34 -0.19
C LEU A 87 11.41 -2.53 -0.85
N TYR A 88 10.45 -3.22 -1.45
CA TYR A 88 9.28 -2.51 -1.98
C TYR A 88 8.06 -3.41 -1.86
N GLY A 89 6.91 -2.86 -2.21
CA GLY A 89 5.68 -3.62 -2.19
C GLY A 89 5.08 -3.63 -0.80
N SER A 90 4.24 -4.64 -0.54
CA SER A 90 3.59 -4.76 0.76
C SER A 90 4.60 -4.90 1.89
N CYS A 91 5.75 -5.54 1.64
CA CYS A 91 6.69 -5.86 2.72
C CYS A 91 7.43 -4.64 3.28
N ALA A 92 7.28 -3.45 2.68
CA ALA A 92 8.01 -2.29 3.17
C ALA A 92 7.24 -0.97 3.16
N ASN A 93 6.04 -0.89 2.58
CA ASN A 93 5.31 0.37 2.58
C ASN A 93 4.57 0.64 3.89
N SER A 94 4.77 -0.22 4.90
CA SER A 94 4.14 -0.14 6.22
C SER A 94 2.66 -0.52 6.18
N PHE A 95 2.20 -1.22 5.13
CA PHE A 95 0.81 -1.66 5.04
C PHE A 95 0.68 -3.11 4.56
N GLY A 96 1.66 -3.95 4.88
CA GLY A 96 1.67 -5.33 4.43
C GLY A 96 1.29 -6.28 5.56
N PHE A 97 0.40 -7.22 5.24
CA PHE A 97 0.00 -8.26 6.18
C PHE A 97 1.15 -9.25 6.39
N PRO A 98 1.19 -9.91 7.54
CA PRO A 98 2.22 -10.95 7.79
C PRO A 98 2.31 -11.96 6.65
N LYS A 99 3.53 -12.21 6.21
CA LYS A 99 3.85 -13.19 5.19
C LYS A 99 5.35 -13.40 5.20
N SER A 100 5.78 -14.62 4.86
CA SER A 100 7.20 -14.99 4.87
C SER A 100 7.83 -14.77 3.49
N ASP A 101 7.61 -13.57 2.93
CA ASP A 101 8.07 -13.24 1.59
C ASP A 101 8.35 -11.74 1.54
N ILE A 102 9.47 -11.38 0.92
CA ILE A 102 9.83 -9.98 0.72
C ILE A 102 10.17 -9.79 -0.75
N ASP A 103 10.02 -8.56 -1.21
CA ASP A 103 10.33 -8.16 -2.58
C ASP A 103 11.37 -7.06 -2.55
N VAL A 104 12.42 -7.24 -3.35
CA VAL A 104 13.59 -6.38 -3.30
C VAL A 104 13.90 -5.90 -4.71
N CYS A 105 14.21 -4.61 -4.83
CA CYS A 105 14.70 -4.03 -6.08
C CYS A 105 16.20 -3.81 -5.94
N LEU A 106 16.96 -4.35 -6.88
CA LEU A 106 18.37 -4.01 -7.02
C LEU A 106 18.44 -2.84 -7.99
N ALA A 107 18.78 -1.67 -7.46
CA ALA A 107 18.89 -0.45 -8.25
C ALA A 107 20.35 -0.23 -8.64
N ILE A 108 20.60 0.05 -9.92
CA ILE A 108 21.96 0.25 -10.39
C ILE A 108 21.93 1.19 -11.60
N GLU A 109 22.83 2.18 -11.61
CA GLU A 109 22.91 3.11 -12.73
C GLU A 109 23.79 2.54 -13.84
N GLY A 110 23.59 3.09 -15.03
CA GLY A 110 24.32 2.69 -16.22
C GLY A 110 23.43 2.78 -17.44
N ASP A 111 24.07 2.78 -18.61
CA ASP A 111 23.34 2.90 -19.87
C ASP A 111 23.04 1.56 -20.53
N ASP A 112 23.81 0.52 -20.24
CA ASP A 112 23.68 -0.77 -20.90
C ASP A 112 23.29 -1.86 -19.91
N ILE A 113 22.41 -1.56 -18.98
CA ILE A 113 22.09 -2.53 -17.93
C ILE A 113 21.39 -3.73 -18.57
N ASN A 114 22.06 -4.87 -18.55
CA ASN A 114 21.47 -6.13 -18.99
C ASN A 114 20.91 -6.82 -17.76
N LYS A 115 19.59 -6.70 -17.56
CA LYS A 115 18.97 -7.22 -16.35
C LYS A 115 19.11 -8.74 -16.26
N SER A 116 18.93 -9.45 -17.38
CA SER A 116 19.07 -10.90 -17.38
C SER A 116 20.48 -11.32 -16.97
N GLU A 117 21.50 -10.70 -17.57
CA GLU A 117 22.86 -11.10 -17.25
C GLU A 117 23.18 -10.81 -15.79
N MET A 118 22.71 -9.68 -15.27
CA MET A 118 22.95 -9.38 -13.86
C MET A 118 22.30 -10.41 -12.95
N LEU A 119 21.05 -10.75 -13.24
CA LEU A 119 20.33 -11.66 -12.36
C LEU A 119 20.89 -13.08 -12.44
N LEU A 120 21.40 -13.49 -13.61
CA LEU A 120 22.07 -14.80 -13.69
C LEU A 120 23.32 -14.83 -12.81
N LYS A 121 24.12 -13.77 -12.85
CA LYS A 121 25.29 -13.68 -11.99
C LYS A 121 24.87 -13.68 -10.52
N LEU A 122 23.80 -12.94 -10.18
CA LEU A 122 23.33 -12.88 -8.80
C LEU A 122 22.88 -14.25 -8.32
N ALA A 123 22.16 -14.99 -9.17
CA ALA A 123 21.74 -16.34 -8.80
C ALA A 123 22.95 -17.22 -8.47
N GLU A 124 24.02 -17.11 -9.25
CA GLU A 124 25.24 -17.88 -8.96
C GLU A 124 25.83 -17.47 -7.60
N ILE A 125 25.89 -16.17 -7.33
CA ILE A 125 26.42 -15.68 -6.05
C ILE A 125 25.54 -16.15 -4.89
N LEU A 126 24.22 -16.07 -5.07
CA LEU A 126 23.32 -16.53 -4.02
C LEU A 126 23.51 -18.02 -3.74
N GLU A 127 23.72 -18.81 -4.80
CA GLU A 127 23.95 -20.23 -4.59
C GLU A 127 25.30 -20.49 -3.90
N SER A 128 26.33 -19.71 -4.27
CA SER A 128 27.62 -19.85 -3.60
C SER A 128 27.53 -19.48 -2.12
N ASP A 129 26.57 -18.66 -1.75
CA ASP A 129 26.38 -18.21 -0.38
C ASP A 129 25.57 -19.19 0.47
N ASN A 130 25.20 -20.35 -0.10
CA ASN A 130 24.39 -21.37 0.56
C ASN A 130 22.97 -20.90 0.87
N LEU A 131 22.45 -19.95 0.09
CA LEU A 131 21.01 -19.73 0.08
C LEU A 131 20.35 -20.84 -0.74
N GLN A 132 19.06 -21.07 -0.51
CA GLN A 132 18.42 -22.28 -1.01
C GLN A 132 17.31 -21.97 -2.02
N ASN A 133 16.98 -22.99 -2.83
CA ASN A 133 15.87 -22.87 -3.79
C ASN A 133 16.03 -21.63 -4.68
N VAL A 134 17.26 -21.35 -5.11
CA VAL A 134 17.50 -20.20 -5.96
C VAL A 134 16.89 -20.48 -7.32
N GLN A 135 15.87 -19.73 -7.72
CA GLN A 135 15.16 -19.96 -8.97
C GLN A 135 15.16 -18.70 -9.82
N ALA A 136 15.30 -18.90 -11.13
CA ALA A 136 15.09 -17.84 -12.10
C ALA A 136 13.64 -17.90 -12.55
N LEU A 137 12.90 -16.81 -12.34
CA LEU A 137 11.50 -16.75 -12.70
C LEU A 137 11.27 -15.54 -13.60
N THR A 138 10.08 -15.46 -14.17
CA THR A 138 9.67 -14.28 -14.93
C THR A 138 8.27 -13.89 -14.52
N ARG A 139 8.03 -12.58 -14.48
CA ARG A 139 6.70 -12.01 -14.33
C ARG A 139 6.44 -11.17 -15.58
N ALA A 140 5.57 -11.65 -16.48
CA ALA A 140 5.24 -10.93 -17.70
C ALA A 140 6.50 -10.40 -18.41
N ARG A 141 7.41 -11.33 -18.66
CA ARG A 141 8.70 -11.16 -19.32
C ARG A 141 9.70 -10.35 -18.50
N VAL A 142 9.36 -9.95 -17.28
CA VAL A 142 10.35 -9.31 -16.39
C VAL A 142 11.10 -10.40 -15.65
N PRO A 143 12.43 -10.42 -15.70
CA PRO A 143 13.19 -11.48 -15.01
C PRO A 143 13.26 -11.25 -13.51
N ILE A 144 13.17 -12.34 -12.75
CA ILE A 144 13.10 -12.32 -11.29
C ILE A 144 13.96 -13.46 -10.77
N VAL A 145 14.69 -13.23 -9.68
CA VAL A 145 15.39 -14.29 -8.97
C VAL A 145 14.75 -14.42 -7.58
N LYS A 146 14.36 -15.63 -7.23
CA LYS A 146 13.76 -15.92 -5.93
C LYS A 146 14.70 -16.83 -5.14
N LEU A 147 14.73 -16.64 -3.83
CA LEU A 147 15.57 -17.48 -2.98
C LEU A 147 14.86 -17.70 -1.66
N MET A 148 15.30 -18.75 -0.95
CA MET A 148 14.84 -19.04 0.40
C MET A 148 16.05 -18.99 1.32
N ASP A 149 15.94 -18.23 2.41
CA ASP A 149 17.04 -18.16 3.36
C ASP A 149 16.85 -19.24 4.40
N PRO A 150 17.73 -20.25 4.46
CA PRO A 150 17.56 -21.30 5.46
C PRO A 150 17.77 -20.81 6.89
N VAL A 151 18.45 -19.69 7.10
CA VAL A 151 18.68 -19.23 8.46
C VAL A 151 17.40 -18.66 9.04
N THR A 152 16.71 -17.81 8.28
CA THR A 152 15.55 -17.12 8.77
C THR A 152 14.24 -17.70 8.26
N GLY A 153 14.26 -18.57 7.25
CA GLY A 153 13.04 -19.06 6.66
C GLY A 153 12.31 -18.08 5.77
N ILE A 154 12.83 -16.88 5.55
CA ILE A 154 12.20 -15.87 4.72
C ILE A 154 12.59 -16.08 3.27
N SER A 155 11.60 -15.99 2.37
CA SER A 155 11.87 -16.02 0.95
C SER A 155 11.87 -14.59 0.41
N CYS A 156 12.60 -14.40 -0.68
CA CYS A 156 12.90 -13.08 -1.20
C CYS A 156 12.92 -13.18 -2.72
N ALA A 157 12.29 -12.22 -3.39
CA ALA A 157 12.31 -12.12 -4.84
C ALA A 157 12.99 -10.81 -5.22
N ILE A 158 13.96 -10.89 -6.12
CA ILE A 158 14.80 -9.75 -6.50
C ILE A 158 14.57 -9.42 -7.96
N CYS A 159 14.32 -8.14 -8.26
CA CYS A 159 14.29 -7.63 -9.62
C CYS A 159 15.31 -6.51 -9.76
N ILE A 160 15.60 -6.13 -11.01
CA ILE A 160 16.55 -5.07 -11.32
C ILE A 160 15.79 -3.82 -11.73
N ASN A 161 16.08 -2.71 -11.07
CA ASN A 161 15.69 -1.37 -11.53
C ASN A 161 14.19 -1.21 -11.70
N ASN A 162 13.41 -1.74 -10.77
CA ASN A 162 11.99 -1.39 -10.68
C ASN A 162 11.82 -0.20 -9.73
N VAL A 163 12.43 0.92 -10.11
CA VAL A 163 12.61 1.98 -9.12
C VAL A 163 11.31 2.72 -8.85
N LEU A 164 10.40 2.78 -9.82
CA LEU A 164 9.15 3.50 -9.56
C LEU A 164 8.36 2.82 -8.44
N ALA A 165 8.38 1.49 -8.38
CA ALA A 165 7.72 0.79 -7.28
C ALA A 165 8.38 1.09 -5.94
N VAL A 166 9.70 1.30 -5.93
CA VAL A 166 10.40 1.68 -4.70
C VAL A 166 9.94 3.06 -4.24
N VAL A 167 9.82 4.00 -5.19
CA VAL A 167 9.43 5.36 -4.84
C VAL A 167 7.97 5.40 -4.36
N ASN A 168 7.07 4.65 -5.03
CA ASN A 168 5.71 4.52 -4.54
C ASN A 168 5.70 4.00 -3.12
N THR A 169 6.51 2.96 -2.85
CA THR A 169 6.59 2.40 -1.51
C THR A 169 7.08 3.43 -0.51
N LYS A 170 8.09 4.20 -0.89
CA LYS A 170 8.62 5.23 0.00
C LYS A 170 7.56 6.27 0.36
N LEU A 171 6.80 6.72 -0.64
CA LEU A 171 5.74 7.69 -0.37
C LEU A 171 4.76 7.15 0.67
N LEU A 172 4.31 5.91 0.50
CA LEU A 172 3.35 5.35 1.44
C LEU A 172 3.95 5.17 2.83
N ARG A 173 5.18 4.66 2.90
CA ARG A 173 5.87 4.54 4.18
C ARG A 173 6.04 5.91 4.85
N ASP A 174 6.32 6.95 4.07
CA ASP A 174 6.43 8.30 4.65
C ASP A 174 5.08 8.78 5.18
N TYR A 175 3.98 8.58 4.42
CA TYR A 175 2.66 8.93 4.94
C TYR A 175 2.38 8.19 6.25
N ALA A 176 2.77 6.92 6.30
CA ALA A 176 2.50 6.10 7.48
C ALA A 176 3.20 6.59 8.73
N GLN A 177 4.27 7.37 8.57
CA GLN A 177 4.95 7.94 9.73
C GLN A 177 4.21 9.12 10.34
N ILE A 178 3.25 9.69 9.63
CA ILE A 178 2.71 10.99 10.04
C ILE A 178 1.65 10.81 11.12
N ASP A 179 0.83 9.78 11.02
CA ASP A 179 -0.27 9.64 11.97
C ASP A 179 -0.61 8.16 12.06
N VAL A 180 -0.70 7.65 13.29
CA VAL A 180 -0.91 6.21 13.45
C VAL A 180 -2.23 5.76 12.87
N ARG A 181 -3.19 6.68 12.74
CA ARG A 181 -4.51 6.30 12.26
C ARG A 181 -4.50 5.87 10.79
N LEU A 182 -3.45 6.21 10.03
CA LEU A 182 -3.37 5.71 8.65
C LEU A 182 -3.15 4.21 8.62
N ARG A 183 -2.11 3.70 9.30
CA ARG A 183 -1.90 2.27 9.23
C ARG A 183 -3.04 1.50 9.89
N GLN A 184 -3.69 2.09 10.91
CA GLN A 184 -4.83 1.42 11.52
C GLN A 184 -5.98 1.29 10.54
N LEU A 185 -6.35 2.40 9.89
CA LEU A 185 -7.45 2.34 8.94
C LEU A 185 -7.12 1.40 7.79
N ALA A 186 -5.91 1.51 7.24
CA ALA A 186 -5.55 0.76 6.04
C ALA A 186 -5.49 -0.74 6.30
N PHE A 187 -4.97 -1.16 7.45
CA PHE A 187 -4.96 -2.59 7.74
C PHE A 187 -6.38 -3.12 7.91
N ILE A 188 -7.25 -2.34 8.53
CA ILE A 188 -8.64 -2.77 8.67
C ILE A 188 -9.34 -2.83 7.32
N VAL A 189 -9.15 -1.81 6.48
CA VAL A 189 -9.78 -1.81 5.16
C VAL A 189 -9.26 -2.98 4.33
N LYS A 190 -7.95 -3.20 4.32
CA LYS A 190 -7.37 -4.29 3.54
C LYS A 190 -7.91 -5.64 3.99
N HIS A 191 -8.08 -5.82 5.32
CA HIS A 191 -8.62 -7.08 5.82
C HIS A 191 -10.10 -7.24 5.47
N TRP A 192 -10.87 -6.15 5.55
CA TRP A 192 -12.25 -6.18 5.05
C TRP A 192 -12.27 -6.60 3.58
N ALA A 193 -11.41 -6.02 2.76
CA ALA A 193 -11.47 -6.29 1.32
C ALA A 193 -11.11 -7.73 1.01
N LYS A 194 -10.14 -8.29 1.76
CA LYS A 194 -9.80 -9.71 1.66
C LYS A 194 -10.96 -10.60 2.09
N SER A 195 -11.56 -10.29 3.24
CA SER A 195 -12.60 -11.16 3.78
C SER A 195 -13.85 -11.13 2.90
N ARG A 196 -14.17 -9.97 2.33
CA ARG A 196 -15.33 -9.81 1.47
C ARG A 196 -15.01 -10.13 0.01
N ARG A 197 -13.78 -10.54 -0.29
CA ARG A 197 -13.38 -10.98 -1.63
C ARG A 197 -13.55 -9.86 -2.65
N VAL A 198 -13.09 -8.66 -2.31
CA VAL A 198 -13.08 -7.55 -3.27
C VAL A 198 -11.68 -6.97 -3.36
N ASN A 199 -10.68 -7.85 -3.28
CA ASN A 199 -9.27 -7.47 -3.31
C ASN A 199 -8.52 -8.26 -4.38
N GLU A 200 -9.16 -8.50 -5.53
CA GLU A 200 -8.52 -9.26 -6.61
C GLU A 200 -8.77 -8.55 -7.94
N THR A 201 -7.72 -7.93 -8.48
CA THR A 201 -7.86 -7.19 -9.75
C THR A 201 -8.25 -8.12 -10.89
N TYR A 202 -7.86 -9.40 -10.82
CA TYR A 202 -8.25 -10.35 -11.85
C TYR A 202 -9.75 -10.58 -11.87
N GLN A 203 -10.46 -10.26 -10.78
CA GLN A 203 -11.91 -10.32 -10.77
C GLN A 203 -12.55 -8.96 -10.95
N GLY A 204 -11.79 -7.94 -11.33
CA GLY A 204 -12.33 -6.61 -11.45
C GLY A 204 -12.55 -5.86 -10.15
N THR A 205 -11.89 -6.28 -9.06
CA THR A 205 -11.94 -5.51 -7.82
C THR A 205 -10.54 -4.93 -7.55
N LEU A 206 -10.36 -4.32 -6.38
CA LEU A 206 -9.25 -3.38 -6.22
C LEU A 206 -8.02 -4.02 -5.56
N SER A 207 -6.84 -3.54 -5.98
CA SER A 207 -5.59 -3.95 -5.37
C SER A 207 -5.44 -3.36 -3.97
N SER A 208 -4.59 -4.00 -3.17
CA SER A 208 -4.26 -3.47 -1.85
C SER A 208 -3.69 -2.06 -1.95
N TYR A 209 -2.84 -1.82 -2.94
CA TYR A 209 -2.29 -0.48 -3.17
C TYR A 209 -3.40 0.53 -3.39
N ALA A 210 -4.39 0.19 -4.21
CA ALA A 210 -5.55 1.06 -4.41
C ALA A 210 -6.23 1.38 -3.09
N TYR A 211 -6.44 0.37 -2.24
CA TYR A 211 -7.11 0.62 -0.97
C TYR A 211 -6.27 1.54 -0.08
N VAL A 212 -4.94 1.40 -0.12
CA VAL A 212 -4.12 2.28 0.72
C VAL A 212 -4.23 3.72 0.22
N LEU A 213 -4.22 3.91 -1.10
CA LEU A 213 -4.39 5.28 -1.62
C LEU A 213 -5.73 5.85 -1.18
N MET A 214 -6.79 5.02 -1.20
CA MET A 214 -8.09 5.50 -0.76
C MET A 214 -8.05 5.92 0.70
N CYS A 215 -7.35 5.14 1.53
CA CYS A 215 -7.28 5.48 2.95
C CYS A 215 -6.48 6.77 3.16
N ILE A 216 -5.35 6.93 2.47
CA ILE A 216 -4.59 8.18 2.57
C ILE A 216 -5.46 9.36 2.19
N HIS A 217 -6.18 9.25 1.07
CA HIS A 217 -6.98 10.37 0.60
C HIS A 217 -8.12 10.69 1.56
N PHE A 218 -8.78 9.65 2.10
CA PHE A 218 -9.84 9.89 3.08
C PHE A 218 -9.32 10.68 4.28
N LEU A 219 -8.12 10.35 4.74
CA LEU A 219 -7.53 11.05 5.88
C LEU A 219 -7.04 12.45 5.50
N GLN A 220 -6.60 12.65 4.25
CA GLN A 220 -6.31 14.00 3.77
C GLN A 220 -7.57 14.87 3.74
N GLN A 221 -8.72 14.26 3.52
CA GLN A 221 -9.97 14.99 3.32
C GLN A 221 -10.68 15.32 4.63
N ARG A 222 -10.32 14.69 5.75
CA ARG A 222 -10.95 15.05 7.02
C ARG A 222 -10.68 16.52 7.36
N ARG A 223 -11.58 17.09 8.15
CA ARG A 223 -11.40 18.45 8.66
C ARG A 223 -11.69 18.47 10.16
N PRO A 224 -10.71 18.82 10.99
CA PRO A 224 -9.30 19.11 10.67
C PRO A 224 -8.64 17.92 10.00
N PRO A 225 -7.62 18.16 9.19
CA PRO A 225 -7.01 17.04 8.45
C PRO A 225 -6.21 16.13 9.37
N ILE A 226 -6.15 14.87 8.98
CA ILE A 226 -5.27 13.91 9.66
C ILE A 226 -3.95 13.76 8.93
N LEU A 227 -3.97 13.79 7.59
CA LEU A 227 -2.74 13.74 6.80
C LEU A 227 -2.64 14.96 5.90
N PRO A 228 -1.43 15.47 5.66
CA PRO A 228 -1.24 16.54 4.68
C PRO A 228 -1.12 15.96 3.26
N CYS A 229 -0.95 16.86 2.29
CA CYS A 229 -0.60 16.47 0.92
C CYS A 229 0.89 16.73 0.75
N LEU A 230 1.71 15.65 0.84
CA LEU A 230 3.16 15.82 0.80
C LEU A 230 3.63 16.38 -0.53
N GLN A 231 2.96 16.02 -1.64
CA GLN A 231 3.39 16.49 -2.95
C GLN A 231 3.05 17.94 -3.21
N GLU A 232 2.15 18.53 -2.41
CA GLU A 232 1.86 19.95 -2.53
C GLU A 232 2.73 20.81 -1.62
N MET A 233 3.58 20.21 -0.80
CA MET A 233 4.44 20.98 0.09
C MET A 233 5.77 21.29 -0.60
N GLU A 234 6.47 22.31 -0.10
CA GLU A 234 7.79 22.63 -0.62
C GLU A 234 8.66 21.39 -0.46
N PRO A 235 9.26 20.88 -1.54
CA PRO A 235 9.80 19.52 -1.50
C PRO A 235 11.19 19.44 -0.90
N THR A 236 11.48 18.29 -0.31
CA THR A 236 12.82 17.96 0.13
C THR A 236 13.36 16.74 -0.60
N TYR A 237 12.59 16.15 -1.50
CA TYR A 237 12.96 14.92 -2.17
C TYR A 237 12.51 15.00 -3.61
N SER A 238 13.37 14.57 -4.54
CA SER A 238 12.99 14.62 -5.94
C SER A 238 13.89 13.67 -6.72
N VAL A 239 13.27 12.70 -7.39
CA VAL A 239 13.99 11.78 -8.26
C VAL A 239 13.20 11.67 -9.55
N ARG A 240 13.90 11.39 -10.64
CA ARG A 240 13.26 11.14 -11.92
C ARG A 240 13.41 9.67 -12.25
N VAL A 241 12.29 9.01 -12.55
CA VAL A 241 12.26 7.63 -13.01
C VAL A 241 11.69 7.65 -14.42
N ASP A 242 12.51 7.27 -15.40
CA ASP A 242 12.17 7.41 -16.81
C ASP A 242 11.75 8.86 -17.10
N ASN A 243 10.50 9.06 -17.52
CA ASN A 243 9.97 10.39 -17.76
C ASN A 243 8.99 10.83 -16.67
N ILE A 244 9.14 10.29 -15.47
CA ILE A 244 8.29 10.63 -14.34
C ILE A 244 9.17 11.27 -13.26
N ARG A 245 8.90 12.52 -12.92
CA ARG A 245 9.57 13.17 -11.80
C ARG A 245 8.71 12.99 -10.55
N CYS A 246 9.35 12.59 -9.45
CA CYS A 246 8.67 12.27 -8.19
C CYS A 246 9.21 13.21 -7.12
N THR A 247 8.39 14.16 -6.68
CA THR A 247 8.87 15.29 -5.92
C THR A 247 7.93 15.55 -4.76
N TYR A 248 8.44 15.61 -3.53
CA TYR A 248 7.56 15.89 -2.40
C TYR A 248 8.36 16.21 -1.14
N PHE A 249 7.65 16.63 -0.11
CA PHE A 249 8.22 16.85 1.23
C PHE A 249 8.31 15.51 1.94
N ASP A 250 9.53 14.99 2.16
CA ASP A 250 9.69 13.68 2.80
C ASP A 250 10.28 13.76 4.20
N ASN A 251 10.43 14.95 4.77
CA ASN A 251 10.97 15.09 6.13
C ASN A 251 9.86 14.93 7.16
N VAL A 252 9.22 13.75 7.11
CA VAL A 252 7.93 13.56 7.79
C VAL A 252 8.05 13.50 9.30
N ASP A 253 9.25 13.33 9.84
CA ASP A 253 9.42 13.44 11.29
C ASP A 253 8.98 14.81 11.81
N ARG A 254 9.07 15.84 10.99
CA ARG A 254 8.61 17.15 11.42
C ARG A 254 7.09 17.30 11.37
N LEU A 255 6.36 16.31 10.83
CA LEU A 255 4.91 16.38 10.69
C LEU A 255 4.16 15.45 11.65
N ARG A 256 4.85 14.92 12.66
CA ARG A 256 4.21 13.93 13.54
C ARG A 256 3.04 14.49 14.34
N ASN A 257 2.93 15.80 14.49
CA ASN A 257 1.77 16.39 15.15
C ASN A 257 0.77 16.97 14.16
N PHE A 258 0.93 16.70 12.86
CA PHE A 258 0.07 17.33 11.87
C PHE A 258 -1.42 17.03 12.13
N GLY A 259 -1.73 15.78 12.46
CA GLY A 259 -3.14 15.42 12.63
C GLY A 259 -3.70 15.66 14.02
N SER A 260 -2.95 16.35 14.89
CA SER A 260 -3.31 16.34 16.31
C SER A 260 -4.58 17.14 16.61
N ASN A 261 -5.02 18.04 15.73
CA ASN A 261 -6.28 18.76 15.92
C ASN A 261 -7.50 17.92 15.59
N ASN A 262 -7.33 16.81 14.89
CA ASN A 262 -8.45 15.96 14.57
C ASN A 262 -8.59 14.90 15.66
N ARG A 263 -9.77 14.81 16.25
CA ARG A 263 -10.02 13.90 17.37
C ARG A 263 -10.74 12.63 16.95
N GLU A 264 -10.88 12.35 15.66
CA GLU A 264 -11.64 11.18 15.25
C GLU A 264 -10.89 9.91 15.63
N THR A 265 -11.64 8.91 16.08
CA THR A 265 -11.07 7.64 16.51
C THR A 265 -11.23 6.62 15.39
N ILE A 266 -10.64 5.43 15.59
CA ILE A 266 -10.58 4.45 14.51
C ILE A 266 -11.98 3.99 14.11
N ALA A 267 -12.90 3.81 15.06
CA ALA A 267 -14.25 3.37 14.65
C ALA A 267 -14.97 4.45 13.87
N GLU A 268 -14.78 5.72 14.22
CA GLU A 268 -15.36 6.82 13.46
C GLU A 268 -14.79 6.87 12.05
N LEU A 269 -13.49 6.61 11.92
CA LEU A 269 -12.85 6.64 10.62
C LEU A 269 -13.27 5.46 9.76
N VAL A 270 -13.45 4.29 10.37
CA VAL A 270 -13.94 3.14 9.60
C VAL A 270 -15.34 3.42 9.10
N TRP A 271 -16.20 3.94 9.99
CA TRP A 271 -17.55 4.34 9.60
C TRP A 271 -17.51 5.38 8.49
N GLY A 272 -16.67 6.41 8.66
CA GLY A 272 -16.64 7.50 7.70
C GLY A 272 -16.13 7.06 6.34
N PHE A 273 -15.15 6.15 6.32
CA PHE A 273 -14.57 5.70 5.06
C PHE A 273 -15.61 4.99 4.20
N PHE A 274 -16.32 4.02 4.79
CA PHE A 274 -17.33 3.29 4.02
C PHE A 274 -18.54 4.16 3.72
N ASN A 275 -18.89 5.05 4.63
CA ASN A 275 -19.92 6.05 4.35
C ASN A 275 -19.56 6.89 3.13
N TYR A 276 -18.29 7.31 3.03
CA TYR A 276 -17.87 8.10 1.87
C TYR A 276 -18.04 7.31 0.57
N TRP A 277 -17.51 6.09 0.52
CA TRP A 277 -17.54 5.34 -0.74
C TRP A 277 -18.92 4.83 -1.07
N ALA A 278 -19.75 4.54 -0.06
CA ALA A 278 -21.12 4.10 -0.32
C ALA A 278 -21.99 5.23 -0.82
N TYR A 279 -21.93 6.39 -0.16
CA TYR A 279 -22.97 7.41 -0.31
C TYR A 279 -22.48 8.74 -0.83
N ALA A 280 -21.23 9.12 -0.59
CA ALA A 280 -20.80 10.48 -0.90
C ALA A 280 -19.98 10.58 -2.18
N HIS A 281 -19.21 9.55 -2.54
CA HIS A 281 -18.35 9.65 -3.70
C HIS A 281 -19.19 9.82 -4.96
N ASP A 282 -18.76 10.75 -5.82
CA ASP A 282 -19.43 11.01 -7.10
C ASP A 282 -18.74 10.15 -8.16
N TYR A 283 -19.29 8.97 -8.41
CA TYR A 283 -18.66 8.04 -9.34
C TYR A 283 -18.65 8.59 -10.77
N ALA A 284 -19.60 9.46 -11.11
CA ALA A 284 -19.68 9.97 -12.48
C ALA A 284 -18.61 11.01 -12.79
N TYR A 285 -18.19 11.80 -11.79
CA TYR A 285 -17.47 13.03 -12.07
C TYR A 285 -16.16 13.21 -11.32
N ASN A 286 -15.84 12.40 -10.32
CA ASN A 286 -14.78 12.73 -9.38
C ASN A 286 -13.64 11.72 -9.41
N VAL A 287 -12.44 12.23 -9.12
CA VAL A 287 -11.21 11.46 -9.07
C VAL A 287 -10.60 11.68 -7.70
N VAL A 288 -10.25 10.61 -6.98
CA VAL A 288 -9.53 10.85 -5.73
C VAL A 288 -8.04 10.90 -6.01
N SER A 289 -7.37 11.94 -5.51
CA SER A 289 -6.00 12.27 -5.86
C SER A 289 -5.15 12.52 -4.62
N VAL A 290 -4.41 11.50 -4.19
CA VAL A 290 -3.41 11.69 -3.14
C VAL A 290 -2.38 12.75 -3.55
N ARG A 291 -2.10 12.87 -4.85
CA ARG A 291 -1.11 13.85 -5.33
C ARG A 291 -1.48 15.27 -4.94
N THR A 292 -2.78 15.60 -4.98
CA THR A 292 -3.25 16.94 -4.61
C THR A 292 -3.94 16.97 -3.24
N GLY A 293 -4.17 15.82 -2.62
CA GLY A 293 -5.00 15.79 -1.41
C GLY A 293 -6.43 16.22 -1.63
N SER A 294 -6.96 16.10 -2.84
CA SER A 294 -8.21 16.76 -3.16
C SER A 294 -8.99 15.92 -4.17
N ILE A 295 -10.17 16.39 -4.52
CA ILE A 295 -11.04 15.72 -5.47
C ILE A 295 -10.94 16.47 -6.80
N LEU A 296 -10.45 15.78 -7.84
CA LEU A 296 -10.29 16.35 -9.17
C LEU A 296 -11.46 15.93 -10.05
N GLY A 297 -11.59 16.62 -11.18
CA GLY A 297 -12.64 16.30 -12.14
C GLY A 297 -12.23 15.19 -13.09
N LYS A 298 -13.18 14.28 -13.31
CA LYS A 298 -13.00 13.16 -14.22
C LYS A 298 -13.19 13.57 -15.68
N ARG A 299 -14.15 14.47 -15.93
CA ARG A 299 -14.72 14.65 -17.27
C ARG A 299 -13.68 15.11 -18.27
N GLU A 300 -12.74 15.94 -17.85
CA GLU A 300 -11.68 16.43 -18.71
C GLU A 300 -10.41 15.61 -18.57
N LYS A 301 -10.47 14.53 -17.81
CA LYS A 301 -9.35 13.61 -17.50
C LYS A 301 -8.39 14.24 -16.50
N ARG A 311 -11.52 2.68 -19.35
CA ARG A 311 -12.48 2.32 -18.32
C ARG A 311 -12.14 3.01 -17.01
N HIS A 312 -13.04 3.87 -16.51
CA HIS A 312 -12.75 4.72 -15.37
C HIS A 312 -13.99 4.87 -14.49
N LEU A 313 -14.45 3.74 -13.94
CA LEU A 313 -15.69 3.69 -13.17
C LEU A 313 -15.50 4.06 -11.70
N ILE A 314 -14.27 4.02 -11.19
CA ILE A 314 -13.98 4.41 -9.81
C ILE A 314 -12.54 4.92 -9.80
N CYS A 315 -12.39 6.24 -9.92
CA CYS A 315 -11.15 6.85 -10.40
C CYS A 315 -10.22 7.16 -9.24
N ILE A 316 -9.09 6.46 -9.20
CA ILE A 316 -8.11 6.54 -8.12
C ILE A 316 -6.76 6.80 -8.78
N GLU A 317 -6.28 8.04 -8.68
CA GLU A 317 -5.10 8.47 -9.42
C GLU A 317 -3.82 7.99 -8.76
N ASP A 318 -2.97 7.31 -9.52
CA ASP A 318 -1.63 7.02 -9.02
C ASP A 318 -0.88 8.34 -8.78
N PRO A 319 -0.22 8.53 -7.63
CA PRO A 319 0.28 9.87 -7.28
C PRO A 319 1.45 10.34 -8.13
N PHE A 320 2.24 9.45 -8.71
CA PHE A 320 3.35 9.85 -9.56
C PHE A 320 3.10 9.54 -11.02
N GLU A 321 2.54 8.37 -11.33
CA GLU A 321 2.15 8.03 -12.70
C GLU A 321 0.69 8.42 -12.86
N THR A 322 0.45 9.72 -13.07
CA THR A 322 -0.91 10.24 -12.94
C THR A 322 -1.83 9.80 -14.07
N SER A 323 -1.29 9.25 -15.16
CA SER A 323 -2.13 8.69 -16.20
C SER A 323 -2.68 7.31 -15.82
N HIS A 324 -2.21 6.74 -14.71
CA HIS A 324 -2.59 5.40 -14.27
C HIS A 324 -3.74 5.53 -13.27
N ASP A 325 -4.92 5.05 -13.66
CA ASP A 325 -6.08 5.00 -12.78
C ASP A 325 -6.10 3.62 -12.13
N LEU A 326 -5.93 3.56 -10.82
CA LEU A 326 -5.88 2.26 -10.15
C LEU A 326 -7.21 1.52 -10.20
N GLY A 327 -8.30 2.22 -10.45
CA GLY A 327 -9.56 1.52 -10.57
C GLY A 327 -9.89 1.05 -11.97
N ARG A 328 -8.98 1.20 -12.94
CA ARG A 328 -9.30 0.83 -14.32
C ARG A 328 -9.59 -0.66 -14.46
N VAL A 329 -9.16 -1.50 -13.51
CA VAL A 329 -9.51 -2.92 -13.57
C VAL A 329 -11.00 -3.16 -13.33
N VAL A 330 -11.71 -2.20 -12.78
CA VAL A 330 -13.12 -2.39 -12.44
C VAL A 330 -13.96 -2.28 -13.72
N ASP A 331 -14.97 -3.15 -13.86
CA ASP A 331 -15.86 -3.07 -15.03
C ASP A 331 -17.30 -2.79 -14.60
N LYS A 332 -18.20 -2.74 -15.59
CA LYS A 332 -19.59 -2.36 -15.31
C LYS A 332 -20.30 -3.37 -14.41
N PHE A 333 -19.81 -4.59 -14.32
CA PHE A 333 -20.33 -5.57 -13.37
C PHE A 333 -19.67 -5.45 -12.01
N SER A 334 -18.35 -5.40 -11.96
CA SER A 334 -17.70 -5.43 -10.65
C SER A 334 -17.84 -4.12 -9.89
N ILE A 335 -18.13 -3.00 -10.58
CA ILE A 335 -18.41 -1.76 -9.85
C ILE A 335 -19.66 -1.93 -9.00
N ARG A 336 -20.65 -2.71 -9.48
CA ARG A 336 -21.86 -2.94 -8.72
C ARG A 336 -21.57 -3.76 -7.47
N VAL A 337 -20.73 -4.79 -7.59
CA VAL A 337 -20.33 -5.59 -6.43
C VAL A 337 -19.58 -4.74 -5.42
N LEU A 338 -18.66 -3.91 -5.90
CA LEU A 338 -17.90 -3.04 -5.00
C LEU A 338 -18.83 -2.10 -4.23
N ARG A 339 -19.75 -1.44 -4.95
CA ARG A 339 -20.60 -0.46 -4.31
C ARG A 339 -21.62 -1.13 -3.37
N GLU A 340 -22.13 -2.31 -3.74
CA GLU A 340 -22.99 -3.04 -2.80
C GLU A 340 -22.23 -3.41 -1.54
N GLU A 341 -20.95 -3.76 -1.67
CA GLU A 341 -20.15 -4.08 -0.48
C GLU A 341 -19.83 -2.83 0.34
N PHE A 342 -19.54 -1.69 -0.32
CA PHE A 342 -19.41 -0.42 0.39
C PHE A 342 -20.68 -0.11 1.18
N GLU A 343 -21.85 -0.31 0.55
CA GLU A 343 -23.10 0.00 1.22
C GLU A 343 -23.38 -0.97 2.38
N ARG A 344 -23.10 -2.26 2.18
CA ARG A 344 -23.18 -3.21 3.28
C ARG A 344 -22.34 -2.77 4.47
N ALA A 345 -21.10 -2.35 4.20
CA ALA A 345 -20.18 -1.97 5.26
C ALA A 345 -20.66 -0.73 5.99
N ALA A 346 -21.14 0.27 5.24
CA ALA A 346 -21.62 1.51 5.87
C ALA A 346 -22.84 1.24 6.74
N ARG A 347 -23.76 0.37 6.27
CA ARG A 347 -24.94 0.05 7.07
C ARG A 347 -24.56 -0.72 8.34
N ILE A 348 -23.61 -1.65 8.23
CA ILE A 348 -23.16 -2.40 9.41
C ILE A 348 -22.53 -1.46 10.43
N MET A 349 -21.62 -0.60 9.97
CA MET A 349 -20.97 0.34 10.87
C MET A 349 -21.97 1.29 11.51
N HIS A 350 -23.07 1.56 10.83
CA HIS A 350 -24.03 2.51 11.33
C HIS A 350 -24.98 1.89 12.37
N GLN A 351 -25.35 0.62 12.20
CA GLN A 351 -26.51 0.09 12.93
C GLN A 351 -26.26 -1.23 13.65
N ASP A 352 -25.28 -2.01 13.20
CA ASP A 352 -25.15 -3.36 13.75
C ASP A 352 -24.66 -3.31 15.20
N PRO A 353 -25.16 -4.19 16.06
CA PRO A 353 -24.73 -4.16 17.47
C PRO A 353 -23.33 -4.72 17.71
N ASN A 354 -22.77 -5.50 16.78
CA ASN A 354 -21.38 -5.93 16.85
C ASN A 354 -20.71 -5.62 15.51
N PRO A 355 -20.55 -4.34 15.18
CA PRO A 355 -20.12 -3.97 13.81
C PRO A 355 -18.75 -4.49 13.45
N CYS A 356 -17.79 -4.56 14.38
CA CYS A 356 -16.46 -5.04 14.04
C CYS A 356 -16.52 -6.47 13.51
N ALA A 357 -17.24 -7.35 14.20
CA ALA A 357 -17.32 -8.74 13.75
C ALA A 357 -18.17 -8.88 12.50
N LYS A 358 -19.31 -8.19 12.45
CA LYS A 358 -20.20 -8.30 11.30
C LYS A 358 -19.54 -7.73 10.05
N LEU A 359 -18.87 -6.58 10.18
CA LEU A 359 -18.21 -5.97 9.02
C LEU A 359 -17.27 -6.95 8.33
N LEU A 360 -16.54 -7.75 9.10
CA LEU A 360 -15.46 -8.59 8.59
C LEU A 360 -15.90 -10.03 8.34
N GLU A 361 -17.18 -10.33 8.52
CA GLU A 361 -17.73 -11.65 8.18
C GLU A 361 -17.34 -12.03 6.76
N PRO A 362 -16.73 -13.20 6.55
CA PRO A 362 -16.21 -13.53 5.20
C PRO A 362 -17.35 -13.75 4.21
N TYR A 363 -17.13 -13.28 2.98
CA TYR A 363 -18.07 -13.56 1.89
C TYR A 363 -17.91 -15.00 1.43
N ILE A 364 -19.01 -15.75 1.44
CA ILE A 364 -19.04 -17.15 1.02
C ILE A 364 -19.80 -17.21 -0.31
N PRO A 365 -19.13 -17.56 -1.43
CA PRO A 365 -19.78 -17.66 -2.74
C PRO A 365 -20.87 -18.72 -2.78
#